data_8I2D
#
_entry.id   8I2D
#
_cell.length_a   55.250
_cell.length_b   55.250
_cell.length_c   68.070
_cell.angle_alpha   90.00
_cell.angle_beta   90.00
_cell.angle_gamma   90.00
#
_symmetry.space_group_name_H-M   'P 43 21 2'
#
loop_
_entity.id
_entity.type
_entity.pdbx_description
1 polymer 'Probable peptidoglycan endopeptidase LytE'
2 water water
#
_entity_poly.entity_id   1
_entity_poly.type   'polypeptide(L)'
_entity_poly.pdbx_seq_one_letter_code
;LNVSKLVSDAKALVGTPYKWGGTTTSGFDCSGFIWYVLNKQTSVGRTSTAGYWSS(MSE)KSIASPSVGDFVFFTTYKSG
PSH(MSE)GIYIGNNSFIHAGSDGVQISSLNNSYWKPRYLGAKRF
;
_entity_poly.pdbx_strand_id   A
#
# COMPACT_ATOMS: atom_id res chain seq x y z
N LEU A 1 -11.89 -7.09 4.61
CA LEU A 1 -10.83 -7.05 5.62
C LEU A 1 -11.34 -6.54 6.96
N ASN A 2 -10.66 -6.91 8.03
CA ASN A 2 -10.82 -6.21 9.30
C ASN A 2 -9.98 -4.93 9.19
N VAL A 3 -10.67 -3.81 8.95
CA VAL A 3 -10.01 -2.55 8.62
C VAL A 3 -9.17 -2.05 9.78
N SER A 4 -9.73 -2.07 10.99
CA SER A 4 -8.97 -1.58 12.15
C SER A 4 -7.69 -2.39 12.36
N LYS A 5 -7.77 -3.71 12.19
CA LYS A 5 -6.58 -4.54 12.30
C LYS A 5 -5.56 -4.22 11.23
N LEU A 6 -6.02 -4.08 9.97
CA LEU A 6 -5.11 -3.81 8.86
C LEU A 6 -4.35 -2.52 9.11
N VAL A 7 -5.05 -1.47 9.50
CA VAL A 7 -4.41 -0.18 9.68
C VAL A 7 -3.49 -0.20 10.91
N SER A 8 -3.92 -0.86 11.98
CA SER A 8 -3.05 -1.01 13.15
C SER A 8 -1.77 -1.77 12.80
N ASP A 9 -1.91 -2.85 12.03
CA ASP A 9 -0.74 -3.62 11.62
C ASP A 9 0.18 -2.79 10.74
N ALA A 10 -0.39 -2.00 9.82
CA ALA A 10 0.43 -1.16 8.95
C ALA A 10 1.16 -0.09 9.75
N LYS A 11 0.47 0.56 10.68
CA LYS A 11 1.08 1.62 11.49
C LYS A 11 2.24 1.08 12.31
N ALA A 12 2.12 -0.15 12.80
CA ALA A 12 3.18 -0.73 13.63
C ALA A 12 4.44 -0.98 12.82
N LEU A 13 4.36 -1.01 11.50
CA LEU A 13 5.50 -1.28 10.66
C LEU A 13 6.15 -0.03 10.09
N VAL A 14 5.58 1.15 10.35
CA VAL A 14 6.20 2.38 9.89
C VAL A 14 7.60 2.46 10.46
N GLY A 15 8.56 2.81 9.61
CA GLY A 15 9.96 2.81 9.97
C GLY A 15 10.74 1.59 9.53
N THR A 16 10.06 0.52 9.11
CA THR A 16 10.76 -0.62 8.59
C THR A 16 11.54 -0.22 7.33
N PRO A 17 12.79 -0.64 7.19
CA PRO A 17 13.56 -0.25 6.00
C PRO A 17 13.03 -0.86 4.71
N TYR A 18 13.48 -0.25 3.61
CA TYR A 18 13.31 -0.82 2.28
C TYR A 18 14.32 -1.94 2.06
N LYS A 19 13.87 -3.00 1.38
CA LYS A 19 14.75 -4.02 0.85
C LYS A 19 14.12 -4.54 -0.42
N TRP A 20 14.89 -4.58 -1.50
CA TRP A 20 14.36 -5.12 -2.75
C TRP A 20 13.89 -6.55 -2.53
N GLY A 21 12.67 -6.84 -2.95
CA GLY A 21 12.09 -8.15 -2.73
C GLY A 21 11.78 -8.50 -1.29
N GLY A 22 11.80 -7.52 -0.39
CA GLY A 22 11.70 -7.84 1.04
C GLY A 22 10.27 -8.18 1.46
N THR A 23 10.17 -9.22 2.28
CA THR A 23 8.88 -9.72 2.76
C THR A 23 8.87 -9.96 4.26
N THR A 24 9.83 -9.39 5.00
CA THR A 24 9.90 -9.54 6.45
C THR A 24 10.05 -8.16 7.07
N THR A 25 9.86 -8.10 8.40
CA THR A 25 9.93 -6.85 9.13
C THR A 25 11.35 -6.28 9.23
N SER A 26 12.35 -6.96 8.71
CA SER A 26 13.66 -6.35 8.58
C SER A 26 13.79 -5.53 7.29
N GLY A 27 12.84 -5.66 6.37
CA GLY A 27 12.90 -4.86 5.15
C GLY A 27 11.85 -5.29 4.14
N PHE A 28 11.11 -4.34 3.60
CA PHE A 28 10.04 -4.62 2.66
C PHE A 28 10.24 -3.86 1.36
N ASP A 29 9.73 -4.43 0.28
CA ASP A 29 9.40 -3.67 -0.91
C ASP A 29 7.88 -3.48 -0.98
N CYS A 30 7.44 -2.81 -2.04
CA CYS A 30 6.04 -2.39 -2.10
C CYS A 30 5.08 -3.56 -1.98
N SER A 31 5.26 -4.57 -2.82
CA SER A 31 4.37 -5.73 -2.83
C SER A 31 4.57 -6.63 -1.63
N GLY A 32 5.81 -6.74 -1.13
CA GLY A 32 6.06 -7.59 0.03
C GLY A 32 5.39 -7.07 1.28
N PHE A 33 5.34 -5.75 1.44
CA PHE A 33 4.64 -5.14 2.57
C PHE A 33 3.14 -5.44 2.53
N ILE A 34 2.51 -5.25 1.38
CA ILE A 34 1.09 -5.53 1.25
C ILE A 34 0.80 -7.00 1.54
N TRP A 35 1.60 -7.91 0.96
CA TRP A 35 1.45 -9.33 1.20
C TRP A 35 1.56 -9.66 2.69
N TYR A 36 2.55 -9.06 3.36
CA TYR A 36 2.77 -9.33 4.78
C TYR A 36 1.59 -8.89 5.61
N VAL A 37 1.11 -7.67 5.40
CA VAL A 37 0.03 -7.13 6.23
C VAL A 37 -1.28 -7.88 5.97
N LEU A 38 -1.58 -8.19 4.71
CA LEU A 38 -2.79 -8.95 4.41
C LEU A 38 -2.73 -10.33 5.07
N ASN A 39 -1.59 -10.99 5.02
CA ASN A 39 -1.49 -12.35 5.53
C ASN A 39 -1.55 -12.41 7.05
N LYS A 40 -1.55 -11.27 7.74
CA LYS A 40 -1.81 -11.28 9.16
C LYS A 40 -3.26 -11.60 9.48
N GLN A 41 -4.15 -11.49 8.50
CA GLN A 41 -5.57 -11.74 8.74
C GLN A 41 -6.25 -12.62 7.70
N THR A 42 -5.68 -12.81 6.52
CA THR A 42 -6.28 -13.67 5.50
C THR A 42 -5.18 -14.17 4.58
N SER A 43 -5.38 -15.36 4.02
CA SER A 43 -4.35 -16.00 3.20
C SER A 43 -4.38 -15.42 1.79
N VAL A 44 -3.27 -14.80 1.38
CA VAL A 44 -3.12 -14.25 0.05
C VAL A 44 -1.76 -14.65 -0.51
N GLY A 45 -1.74 -15.01 -1.78
CA GLY A 45 -0.49 -15.33 -2.43
C GLY A 45 0.32 -14.09 -2.76
N ARG A 46 1.59 -14.30 -3.08
CA ARG A 46 2.44 -13.23 -3.53
C ARG A 46 1.85 -12.65 -4.80
N THR A 47 1.71 -11.32 -4.83
CA THR A 47 0.94 -10.64 -5.87
C THR A 47 1.62 -9.30 -6.15
N SER A 48 1.75 -8.95 -7.42
CA SER A 48 2.33 -7.66 -7.78
C SER A 48 1.30 -6.55 -7.62
N THR A 49 1.80 -5.30 -7.65
CA THR A 49 0.90 -4.15 -7.60
C THR A 49 -0.11 -4.18 -8.73
N ALA A 50 0.35 -4.50 -9.95
CA ALA A 50 -0.57 -4.62 -11.07
C ALA A 50 -1.58 -5.74 -10.85
N GLY A 51 -1.15 -6.83 -10.20
CA GLY A 51 -2.07 -7.90 -9.88
C GLY A 51 -3.18 -7.46 -8.93
N TYR A 52 -2.84 -6.68 -7.90
CA TYR A 52 -3.86 -6.14 -7.00
C TYR A 52 -4.76 -5.15 -7.71
N TRP A 53 -4.20 -4.31 -8.60
CA TRP A 53 -5.03 -3.38 -9.35
C TRP A 53 -6.07 -4.11 -10.16
N SER A 54 -5.71 -5.28 -10.71
CA SER A 54 -6.61 -6.07 -11.52
C SER A 54 -7.62 -6.85 -10.69
N SER A 55 -7.27 -7.24 -9.47
CA SER A 55 -8.12 -8.14 -8.71
C SER A 55 -8.99 -7.44 -7.67
N MSE A 56 -8.61 -6.26 -7.18
CA MSE A 56 -9.46 -5.57 -6.21
C MSE A 56 -10.61 -4.80 -6.86
O MSE A 56 -10.71 -4.73 -8.09
CB MSE A 56 -8.66 -4.67 -5.25
CG MSE A 56 -7.53 -5.35 -4.48
SE MSE A 56 -6.54 -4.00 -3.48
CE MSE A 56 -5.68 -5.14 -2.16
N LYS A 57 -11.47 -4.21 -6.04
CA LYS A 57 -12.74 -3.63 -6.46
C LYS A 57 -12.64 -2.11 -6.58
N SER A 58 -13.11 -1.56 -7.70
CA SER A 58 -13.06 -0.13 -7.90
C SER A 58 -14.01 0.59 -6.95
N ILE A 59 -13.56 1.74 -6.44
CA ILE A 59 -14.36 2.60 -5.56
C ILE A 59 -14.14 4.04 -5.97
N ALA A 60 -15.07 4.91 -5.57
CA ALA A 60 -15.02 6.31 -5.99
C ALA A 60 -14.02 7.12 -5.18
N SER A 61 -13.80 6.75 -3.92
CA SER A 61 -12.87 7.45 -3.06
C SER A 61 -12.46 6.47 -1.97
N PRO A 62 -11.24 6.58 -1.44
CA PRO A 62 -10.79 5.61 -0.45
C PRO A 62 -11.35 5.90 0.93
N SER A 63 -11.66 4.83 1.64
CA SER A 63 -11.91 4.87 3.07
C SER A 63 -10.75 4.19 3.79
N VAL A 64 -10.72 4.36 5.11
CA VAL A 64 -9.71 3.69 5.92
C VAL A 64 -9.70 2.21 5.57
N GLY A 65 -8.50 1.69 5.28
CA GLY A 65 -8.35 0.28 4.96
C GLY A 65 -8.42 -0.07 3.48
N ASP A 66 -8.71 0.90 2.62
CA ASP A 66 -8.64 0.70 1.18
C ASP A 66 -7.21 0.91 0.70
N PHE A 67 -7.00 0.67 -0.59
CA PHE A 67 -5.68 0.66 -1.21
C PHE A 67 -5.61 1.75 -2.25
N VAL A 68 -4.56 2.55 -2.21
CA VAL A 68 -4.36 3.66 -3.13
C VAL A 68 -3.19 3.30 -4.04
N PHE A 69 -3.31 3.69 -5.31
CA PHE A 69 -2.37 3.26 -6.35
C PHE A 69 -1.78 4.47 -7.07
N PHE A 70 -0.54 4.31 -7.53
CA PHE A 70 0.22 5.39 -8.13
C PHE A 70 1.05 4.88 -9.29
N THR A 71 1.36 5.79 -10.22
CA THR A 71 2.35 5.57 -11.26
C THR A 71 3.66 6.21 -10.80
N THR A 72 4.67 5.38 -10.56
CA THR A 72 5.96 5.87 -10.06
C THR A 72 7.05 5.67 -11.10
N TYR A 73 7.65 4.46 -11.15
CA TYR A 73 8.81 4.23 -12.01
C TYR A 73 8.43 3.77 -13.41
N LYS A 74 7.15 3.53 -13.67
CA LYS A 74 6.66 3.17 -14.99
C LYS A 74 5.22 3.64 -15.09
N SER A 75 4.71 3.71 -16.32
CA SER A 75 3.33 4.14 -16.47
C SER A 75 2.38 3.07 -15.93
N GLY A 76 1.19 3.53 -15.50
CA GLY A 76 0.22 2.63 -14.92
C GLY A 76 0.51 2.30 -13.47
N PRO A 77 -0.27 1.38 -12.89
CA PRO A 77 -0.11 1.07 -11.46
C PRO A 77 1.24 0.41 -11.23
N SER A 78 2.10 1.09 -10.47
CA SER A 78 3.41 0.55 -10.15
C SER A 78 3.77 0.73 -8.69
N HIS A 79 2.90 1.33 -7.88
CA HIS A 79 3.12 1.47 -6.44
C HIS A 79 1.75 1.53 -5.79
N MSE A 80 1.69 1.11 -4.53
CA MSE A 80 0.43 1.15 -3.81
C MSE A 80 0.68 1.31 -2.32
O MSE A 80 1.79 1.07 -1.82
CB MSE A 80 -0.36 -0.13 -4.05
CG MSE A 80 0.38 -1.39 -3.61
SE MSE A 80 -0.55 -3.05 -4.09
CE MSE A 80 -2.18 -2.70 -3.14
N GLY A 81 -0.36 1.72 -1.61
CA GLY A 81 -0.30 1.86 -0.17
C GLY A 81 -1.68 1.61 0.43
N ILE A 82 -1.72 1.65 1.75
CA ILE A 82 -2.94 1.46 2.52
C ILE A 82 -3.40 2.82 3.01
N TYR A 83 -4.62 3.21 2.65
CA TYR A 83 -5.17 4.47 3.10
C TYR A 83 -5.53 4.39 4.58
N ILE A 84 -5.07 5.36 5.38
CA ILE A 84 -5.28 5.34 6.82
C ILE A 84 -6.14 6.50 7.30
N GLY A 85 -6.71 7.27 6.39
CA GLY A 85 -7.50 8.42 6.76
C GLY A 85 -6.72 9.71 6.66
N ASN A 86 -7.46 10.82 6.65
CA ASN A 86 -6.87 12.15 6.66
C ASN A 86 -5.89 12.34 5.52
N ASN A 87 -6.28 11.85 4.34
CA ASN A 87 -5.52 12.03 3.12
C ASN A 87 -4.17 11.32 3.17
N SER A 88 -3.94 10.43 4.12
CA SER A 88 -2.65 9.80 4.32
C SER A 88 -2.71 8.31 4.02
N PHE A 89 -1.55 7.75 3.67
CA PHE A 89 -1.44 6.34 3.35
C PHE A 89 -0.08 5.83 3.80
N ILE A 90 -0.01 4.54 4.10
CA ILE A 90 1.22 3.87 4.49
C ILE A 90 1.65 2.97 3.34
N HIS A 91 2.93 3.05 2.98
CA HIS A 91 3.42 2.29 1.83
C HIS A 91 4.89 1.98 2.08
N ALA A 92 5.34 0.90 1.44
CA ALA A 92 6.76 0.52 1.50
C ALA A 92 7.44 1.18 0.32
N GLY A 93 7.95 2.40 0.56
CA GLY A 93 8.61 3.16 -0.47
C GLY A 93 10.08 2.82 -0.56
N SER A 94 10.75 3.52 -1.48
CA SER A 94 12.16 3.22 -1.76
C SER A 94 13.08 3.51 -0.59
N ASP A 95 12.64 4.27 0.39
CA ASP A 95 13.46 4.47 1.59
C ASP A 95 12.73 4.07 2.88
N GLY A 96 11.77 3.16 2.76
CA GLY A 96 11.20 2.47 3.90
C GLY A 96 9.70 2.61 3.96
N VAL A 97 9.13 1.90 4.94
CA VAL A 97 7.69 1.98 5.18
C VAL A 97 7.39 3.30 5.85
N GLN A 98 6.57 4.13 5.20
CA GLN A 98 6.35 5.50 5.61
C GLN A 98 4.89 5.90 5.45
N ILE A 99 4.52 6.95 6.17
CA ILE A 99 3.25 7.64 5.99
C ILE A 99 3.47 8.79 5.01
N SER A 100 2.65 8.84 3.96
CA SER A 100 2.71 9.90 2.96
C SER A 100 1.31 10.46 2.75
N SER A 101 1.24 11.56 2.01
CA SER A 101 0.00 12.29 1.84
C SER A 101 -0.42 12.32 0.37
N LEU A 102 -1.71 12.10 0.13
CA LEU A 102 -2.27 12.29 -1.20
C LEU A 102 -2.22 13.74 -1.67
N ASN A 103 -1.99 14.69 -0.78
CA ASN A 103 -1.88 16.09 -1.18
C ASN A 103 -0.45 16.51 -1.47
N ASN A 104 0.51 15.62 -1.30
CA ASN A 104 1.91 15.91 -1.60
C ASN A 104 2.10 16.13 -3.11
N SER A 105 3.01 17.04 -3.46
CA SER A 105 3.15 17.47 -4.86
C SER A 105 3.73 16.37 -5.76
N TYR A 106 4.38 15.36 -5.18
CA TYR A 106 4.80 14.19 -5.95
C TYR A 106 3.68 13.17 -6.08
N TRP A 107 3.02 12.83 -4.97
CA TRP A 107 2.03 11.74 -4.99
C TRP A 107 0.74 12.15 -5.70
N LYS A 108 0.28 13.39 -5.50
CA LYS A 108 -1.01 13.79 -6.06
C LYS A 108 -1.11 13.60 -7.56
N PRO A 109 -0.19 14.12 -8.39
CA PRO A 109 -0.32 13.93 -9.85
C PRO A 109 -0.05 12.50 -10.30
N ARG A 110 0.44 11.64 -9.41
CA ARG A 110 0.71 10.25 -9.75
C ARG A 110 -0.40 9.32 -9.25
N TYR A 111 -1.40 9.85 -8.55
CA TYR A 111 -2.48 9.04 -8.01
C TYR A 111 -3.38 8.53 -9.14
N LEU A 112 -3.64 7.22 -9.14
CA LEU A 112 -4.44 6.57 -10.16
C LEU A 112 -5.84 6.22 -9.68
N GLY A 113 -6.09 6.27 -8.38
CA GLY A 113 -7.35 5.87 -7.80
C GLY A 113 -7.16 4.85 -6.71
N ALA A 114 -8.29 4.40 -6.18
CA ALA A 114 -8.30 3.52 -5.02
C ALA A 114 -9.11 2.27 -5.34
N LYS A 115 -8.79 1.19 -4.63
CA LYS A 115 -9.54 -0.06 -4.74
C LYS A 115 -9.75 -0.63 -3.34
N ARG A 116 -10.76 -1.48 -3.24
CA ARG A 116 -11.13 -2.13 -1.99
C ARG A 116 -10.88 -3.62 -2.10
N PHE A 117 -10.29 -4.20 -1.05
CA PHE A 117 -10.05 -5.65 -1.02
C PHE A 117 -11.37 -6.39 -0.93
#